data_3TS1
#
_entry.id   3TS1
#
_cell.length_a   64.630
_cell.length_b   64.630
_cell.length_c   238.900
_cell.angle_alpha   90.00
_cell.angle_beta   90.00
_cell.angle_gamma   120.00
#
_symmetry.space_group_name_H-M   'P 31 2 1'
#
loop_
_entity.id
_entity.type
_entity.pdbx_description
1 polymer 'TYROSYL-TRNA SYNTHETASE'
2 non-polymer "PHOSPHORIC ACID 2-AMINO-3-(4-HYDROXY-PHENYL)-PROPYL ESTER ADENOSIN-5'YL ESTER"
3 water water
#
_entity_poly.entity_id   1
_entity_poly.type   'polypeptide(L)'
_entity_poly.pdbx_seq_one_letter_code
;MDLLAELQWRGLVNQTTDEDGLRKLLNEERVTLYCGFDPTADSLHIGHLATILTMRRFQQAGHRPIALVGGATGLIGDPS
GKKSERTLNAKETVEAWSARIKEQLGRFLDFEADGNPAKIKNNYDWIGPLDVITFLRDVGKHFSVNYMMAKESVQSRIET
GISFTEFSYMMLQAYDFLRLYETEGCRLQIGGSDQWGNITAGLELIRKTKGEARAFGLTIPLVTKADGTKFGKTESGTIW
LDKEKTSPYEFYQFWINTDDRDVIRYLKYFTFLSKEEIEALEQELREAPEKRAAQKTLAEEVTKLVHGEEALRQAIRISE
ALFSGDIANLTAAEIEQGFKDVPSFVHEGGDVPLVELLVSAGISPSKRQAREDIQNGAIYVNGERLQDVGAILTAEHRLE
GRFTVIRRGKKKYYLIRYA
;
_entity_poly.pdbx_strand_id   A
#
# COMPACT_ATOMS: atom_id res chain seq x y z
N MET A 1 -15.77 -11.43 -6.22
CA MET A 1 -17.13 -11.91 -5.84
C MET A 1 -17.37 -11.63 -4.35
N ASP A 2 -16.98 -12.60 -3.53
CA ASP A 2 -17.11 -12.46 -2.09
C ASP A 2 -15.84 -11.80 -1.55
N LEU A 3 -14.65 -12.04 -2.09
CA LEU A 3 -13.47 -11.32 -1.56
C LEU A 3 -13.68 -9.80 -1.73
N LEU A 4 -14.17 -9.44 -2.91
CA LEU A 4 -14.43 -8.02 -3.21
C LEU A 4 -15.52 -7.46 -2.31
N ALA A 5 -16.55 -8.21 -1.95
CA ALA A 5 -17.64 -7.82 -1.07
C ALA A 5 -17.12 -7.58 0.38
N GLU A 6 -16.18 -8.42 0.74
CA GLU A 6 -15.60 -8.37 2.06
C GLU A 6 -14.85 -7.06 2.20
N LEU A 7 -14.02 -6.84 1.17
CA LEU A 7 -13.17 -5.63 1.14
C LEU A 7 -14.10 -4.42 1.22
N GLN A 8 -15.12 -4.54 0.36
CA GLN A 8 -16.13 -3.47 0.28
C GLN A 8 -16.63 -3.22 1.70
N TRP A 9 -17.12 -4.27 2.32
CA TRP A 9 -17.67 -4.27 3.67
C TRP A 9 -16.72 -3.71 4.70
N ARG A 10 -15.46 -4.12 4.65
CA ARG A 10 -14.40 -3.66 5.52
C ARG A 10 -14.05 -2.18 5.38
N GLY A 11 -14.31 -1.68 4.18
CA GLY A 11 -14.14 -0.35 3.65
C GLY A 11 -12.76 0.01 3.12
N LEU A 12 -12.14 -0.83 2.43
CA LEU A 12 -10.86 -0.98 1.80
C LEU A 12 -10.90 -0.69 0.30
N VAL A 13 -12.08 -0.44 -0.27
CA VAL A 13 -12.26 -0.08 -1.68
C VAL A 13 -12.71 1.37 -1.89
N ASN A 14 -11.78 2.20 -2.27
CA ASN A 14 -12.12 3.62 -2.52
C ASN A 14 -12.61 3.66 -3.96
N GLN A 15 -11.84 3.11 -4.86
CA GLN A 15 -12.12 3.10 -6.29
C GLN A 15 -11.54 1.88 -6.98
N THR A 16 -12.19 1.58 -8.08
CA THR A 16 -11.79 0.44 -8.92
C THR A 16 -12.08 0.76 -10.36
N THR A 17 -11.14 0.40 -11.21
CA THR A 17 -11.25 0.67 -12.66
C THR A 17 -12.52 0.10 -13.26
N ASP A 18 -12.90 -1.11 -12.94
CA ASP A 18 -14.10 -1.77 -13.48
C ASP A 18 -14.38 -2.90 -12.49
N GLU A 19 -15.31 -2.65 -11.60
CA GLU A 19 -15.64 -3.60 -10.55
C GLU A 19 -16.25 -4.90 -11.01
N ASP A 20 -17.19 -4.83 -11.94
CA ASP A 20 -17.81 -6.10 -12.43
C ASP A 20 -16.75 -6.92 -13.17
N GLY A 21 -15.89 -6.19 -13.87
CA GLY A 21 -14.80 -6.74 -14.65
C GLY A 21 -13.83 -7.47 -13.73
N LEU A 22 -13.38 -6.79 -12.69
CA LEU A 22 -12.44 -7.34 -11.73
C LEU A 22 -13.02 -8.46 -10.85
N ARG A 23 -14.24 -8.26 -10.41
CA ARG A 23 -14.95 -9.23 -9.59
C ARG A 23 -15.01 -10.55 -10.38
N LYS A 24 -15.35 -10.48 -11.65
CA LYS A 24 -15.42 -11.63 -12.55
C LYS A 24 -14.15 -12.47 -12.53
N LEU A 25 -13.04 -11.89 -12.88
CA LEU A 25 -11.70 -12.42 -12.96
C LEU A 25 -11.15 -12.95 -11.64
N LEU A 26 -11.45 -12.23 -10.58
CA LEU A 26 -11.02 -12.59 -9.23
C LEU A 26 -11.63 -13.95 -8.88
N ASN A 27 -12.86 -14.16 -9.30
CA ASN A 27 -13.62 -15.38 -9.07
C ASN A 27 -13.27 -16.44 -10.10
N GLU A 28 -12.89 -16.14 -11.30
CA GLU A 28 -12.55 -17.16 -12.30
C GLU A 28 -11.05 -17.49 -12.34
N GLU A 29 -10.14 -16.65 -11.91
CA GLU A 29 -8.73 -17.04 -12.03
C GLU A 29 -7.93 -16.68 -10.79
N ARG A 30 -6.68 -17.18 -10.83
CA ARG A 30 -5.69 -16.86 -9.80
C ARG A 30 -5.05 -15.57 -10.49
N VAL A 31 -5.25 -14.53 -9.72
CA VAL A 31 -4.83 -13.20 -10.01
C VAL A 31 -3.53 -12.83 -9.29
N THR A 32 -2.62 -12.34 -10.12
CA THR A 32 -1.32 -11.79 -9.78
C THR A 32 -1.54 -10.26 -9.64
N LEU A 33 -1.25 -9.69 -8.50
CA LEU A 33 -1.39 -8.24 -8.31
C LEU A 33 -0.04 -7.86 -7.68
N TYR A 34 0.28 -6.60 -7.74
CA TYR A 34 1.51 -6.05 -7.15
C TYR A 34 1.01 -4.82 -6.38
N CYS A 35 1.87 -4.25 -5.66
CA CYS A 35 1.69 -3.02 -4.88
C CYS A 35 3.15 -2.49 -4.81
N GLY A 36 3.33 -1.21 -5.00
CA GLY A 36 4.63 -0.61 -5.00
C GLY A 36 5.18 0.06 -3.79
N PHE A 37 6.47 -0.23 -3.51
CA PHE A 37 7.05 0.46 -2.26
C PHE A 37 8.27 1.29 -2.51
N ASP A 38 8.13 2.58 -2.11
CA ASP A 38 9.32 3.46 -2.32
C ASP A 38 10.10 3.65 -1.03
N PRO A 39 11.39 3.36 -1.12
CA PRO A 39 12.29 3.56 0.02
C PRO A 39 12.37 5.09 0.14
N THR A 40 11.54 5.62 1.04
CA THR A 40 11.45 7.02 1.32
C THR A 40 12.03 7.19 2.77
N ALA A 41 12.33 6.09 3.40
CA ALA A 41 12.91 6.02 4.75
C ALA A 41 13.56 4.65 4.97
N ASP A 42 14.17 4.45 6.17
CA ASP A 42 14.83 3.17 6.48
C ASP A 42 13.84 2.12 7.06
N SER A 43 12.58 2.45 7.09
CA SER A 43 11.47 1.65 7.57
C SER A 43 10.08 1.95 6.98
N LEU A 44 9.27 0.87 6.89
CA LEU A 44 7.88 1.17 6.38
C LEU A 44 7.20 1.78 7.60
N HIS A 45 5.99 2.21 7.55
CA HIS A 45 5.24 2.70 8.73
C HIS A 45 3.79 2.22 8.64
N ILE A 46 2.98 2.47 9.65
CA ILE A 46 1.55 2.06 9.68
C ILE A 46 0.70 2.68 8.59
N GLY A 47 1.18 3.62 7.80
CA GLY A 47 0.48 4.21 6.65
C GLY A 47 0.48 3.08 5.61
N HIS A 48 1.57 2.34 5.53
CA HIS A 48 1.77 1.24 4.64
C HIS A 48 1.07 -0.04 5.02
N LEU A 49 0.61 -0.28 6.24
CA LEU A 49 -0.05 -1.53 6.59
C LEU A 49 -1.37 -1.89 5.94
N ALA A 50 -2.28 -1.06 5.60
CA ALA A 50 -3.56 -1.31 4.96
C ALA A 50 -3.31 -2.00 3.62
N THR A 51 -2.37 -1.35 2.92
CA THR A 51 -2.00 -1.84 1.57
C THR A 51 -1.31 -3.19 1.74
N ILE A 52 -0.34 -3.26 2.65
CA ILE A 52 0.36 -4.51 2.93
C ILE A 52 -0.63 -5.60 3.34
N LEU A 53 -1.42 -5.30 4.37
CA LEU A 53 -2.41 -6.28 4.86
C LEU A 53 -3.39 -6.59 3.77
N THR A 54 -3.79 -5.66 2.91
CA THR A 54 -4.67 -6.01 1.81
C THR A 54 -4.08 -7.05 0.89
N MET A 55 -2.79 -6.98 0.60
CA MET A 55 -2.16 -7.99 -0.30
C MET A 55 -2.37 -9.41 0.22
N ARG A 56 -2.12 -9.52 1.51
CA ARG A 56 -2.23 -10.71 2.34
C ARG A 56 -3.61 -11.33 2.20
N ARG A 57 -4.58 -10.43 2.33
CA ARG A 57 -5.98 -10.76 2.22
C ARG A 57 -6.17 -11.32 0.80
N PHE A 58 -5.56 -10.67 -0.18
CA PHE A 58 -5.66 -11.15 -1.58
C PHE A 58 -4.95 -12.53 -1.60
N GLN A 59 -3.83 -12.66 -0.93
CA GLN A 59 -3.13 -13.96 -0.89
C GLN A 59 -3.98 -15.09 -0.28
N GLN A 60 -4.60 -14.82 0.86
CA GLN A 60 -5.43 -15.73 1.62
C GLN A 60 -6.62 -16.29 0.86
N ALA A 61 -7.21 -15.59 -0.07
CA ALA A 61 -8.32 -16.01 -0.92
C ALA A 61 -7.69 -16.65 -2.19
N GLY A 62 -6.44 -17.04 -2.09
CA GLY A 62 -5.61 -17.67 -3.03
C GLY A 62 -5.07 -16.93 -4.22
N HIS A 63 -4.66 -15.68 -4.00
CA HIS A 63 -4.10 -14.91 -5.14
C HIS A 63 -2.63 -14.65 -4.86
N ARG A 64 -1.91 -14.30 -5.92
CA ARG A 64 -0.44 -14.10 -5.74
C ARG A 64 0.10 -12.70 -5.75
N PRO A 65 0.63 -12.23 -4.61
CA PRO A 65 1.20 -10.90 -4.46
C PRO A 65 2.66 -10.67 -4.76
N ILE A 66 3.00 -9.56 -5.43
CA ILE A 66 4.40 -9.13 -5.75
C ILE A 66 4.43 -7.82 -4.96
N ALA A 67 5.22 -7.84 -3.91
CA ALA A 67 5.52 -6.68 -3.06
C ALA A 67 6.56 -5.98 -3.97
N LEU A 68 6.49 -4.75 -4.39
CA LEU A 68 7.53 -4.23 -5.29
C LEU A 68 8.45 -3.19 -4.61
N VAL A 69 9.69 -3.49 -4.55
CA VAL A 69 10.53 -2.42 -3.92
C VAL A 69 11.03 -1.47 -5.01
N GLY A 70 10.86 -0.19 -4.81
CA GLY A 70 11.21 0.89 -5.69
C GLY A 70 12.57 1.52 -5.59
N GLY A 71 13.58 0.74 -5.99
CA GLY A 71 14.97 1.19 -6.03
C GLY A 71 15.21 2.32 -7.03
N ALA A 72 14.58 2.33 -8.18
CA ALA A 72 14.70 3.37 -9.21
C ALA A 72 13.82 4.59 -8.95
N THR A 73 12.49 4.41 -8.80
CA THR A 73 11.51 5.47 -8.59
C THR A 73 11.74 6.23 -7.31
N GLY A 74 12.22 5.58 -6.24
CA GLY A 74 12.45 6.30 -4.97
C GLY A 74 13.72 7.16 -5.10
N LEU A 75 14.40 7.22 -6.21
CA LEU A 75 15.50 7.86 -6.84
C LEU A 75 15.03 9.07 -7.72
N ILE A 76 13.72 9.09 -7.97
CA ILE A 76 12.98 10.08 -8.67
C ILE A 76 12.06 10.85 -7.76
N GLY A 77 11.07 10.19 -7.18
CA GLY A 77 10.14 10.87 -6.24
C GLY A 77 8.80 11.20 -6.86
N ASP A 78 7.82 10.62 -6.24
CA ASP A 78 6.37 10.66 -6.54
C ASP A 78 5.76 11.88 -5.87
N PRO A 79 5.24 12.75 -6.73
CA PRO A 79 4.58 13.98 -6.29
C PRO A 79 3.25 13.73 -5.59
N SER A 80 2.62 12.60 -5.91
CA SER A 80 1.32 12.16 -5.41
C SER A 80 1.19 12.39 -3.94
N GLY A 81 0.12 13.09 -3.57
CA GLY A 81 -0.19 13.38 -2.17
C GLY A 81 0.82 14.18 -1.43
N LYS A 82 1.69 14.89 -2.12
CA LYS A 82 2.73 15.77 -1.55
C LYS A 82 2.44 17.13 -2.18
N LYS A 83 2.43 18.16 -1.36
CA LYS A 83 2.11 19.52 -1.76
C LYS A 83 3.31 20.26 -2.28
N SER A 84 4.45 19.70 -1.96
CA SER A 84 5.77 20.21 -2.26
C SER A 84 6.67 19.15 -2.88
N GLU A 85 7.64 19.73 -3.56
CA GLU A 85 8.70 19.02 -4.27
C GLU A 85 9.59 18.49 -3.15
N ARG A 86 10.09 17.30 -3.30
CA ARG A 86 10.95 16.68 -2.29
C ARG A 86 12.40 16.86 -2.71
N THR A 87 13.28 16.41 -1.86
CA THR A 87 14.72 16.42 -2.07
C THR A 87 15.06 15.08 -2.74
N LEU A 88 16.06 15.13 -3.59
CA LEU A 88 16.48 13.86 -4.26
C LEU A 88 17.45 13.15 -3.32
N ASN A 89 17.22 11.89 -3.02
CA ASN A 89 18.17 11.13 -2.15
C ASN A 89 19.27 10.48 -3.03
N ALA A 90 20.33 10.17 -2.32
CA ALA A 90 21.55 9.59 -2.87
C ALA A 90 21.28 8.19 -3.35
N LYS A 91 21.96 7.62 -4.32
CA LYS A 91 21.67 6.23 -4.73
C LYS A 91 21.91 5.29 -3.53
N GLU A 92 23.00 5.52 -2.84
CA GLU A 92 23.52 4.80 -1.69
C GLU A 92 22.48 4.75 -0.59
N THR A 93 21.88 5.88 -0.28
CA THR A 93 20.79 5.88 0.74
C THR A 93 19.67 4.98 0.27
N VAL A 94 19.14 5.28 -0.92
CA VAL A 94 18.05 4.48 -1.50
C VAL A 94 18.43 3.00 -1.50
N GLU A 95 19.58 2.64 -1.98
CA GLU A 95 20.08 1.27 -1.99
C GLU A 95 20.04 0.66 -0.59
N ALA A 96 20.55 1.41 0.38
CA ALA A 96 20.60 0.99 1.78
C ALA A 96 19.20 0.63 2.25
N TRP A 97 18.32 1.64 2.12
CA TRP A 97 16.93 1.53 2.53
C TRP A 97 16.19 0.44 1.80
N SER A 98 16.51 0.17 0.55
CA SER A 98 15.76 -0.85 -0.21
C SER A 98 15.79 -2.21 0.46
N ALA A 99 16.94 -2.52 1.01
CA ALA A 99 17.24 -3.77 1.68
C ALA A 99 16.43 -4.00 2.93
N ARG A 100 16.11 -2.97 3.67
CA ARG A 100 15.36 -3.05 4.92
C ARG A 100 13.88 -3.32 4.68
N ILE A 101 13.34 -2.49 3.80
CA ILE A 101 11.96 -2.47 3.32
C ILE A 101 11.65 -3.85 2.79
N LYS A 102 12.56 -4.37 1.99
CA LYS A 102 12.41 -5.75 1.48
C LYS A 102 12.22 -6.65 2.70
N GLU A 103 13.01 -6.48 3.76
CA GLU A 103 12.89 -7.31 4.97
C GLU A 103 11.55 -7.12 5.65
N GLN A 104 11.17 -5.89 5.99
CA GLN A 104 9.84 -5.74 6.63
C GLN A 104 8.75 -6.30 5.72
N LEU A 105 8.82 -6.04 4.45
CA LEU A 105 7.81 -6.53 3.49
C LEU A 105 7.58 -8.02 3.64
N GLY A 106 8.60 -8.83 3.47
CA GLY A 106 8.56 -10.26 3.58
C GLY A 106 7.87 -10.91 4.75
N ARG A 107 7.68 -10.27 5.87
CA ARG A 107 7.01 -10.73 7.05
C ARG A 107 5.50 -10.91 6.84
N PHE A 108 4.91 -10.01 6.08
CA PHE A 108 3.47 -10.11 5.89
C PHE A 108 3.01 -11.09 4.85
N LEU A 109 3.90 -11.55 3.98
CA LEU A 109 3.55 -12.43 2.86
C LEU A 109 3.94 -13.88 3.09
N ASP A 110 3.27 -14.77 2.36
CA ASP A 110 3.51 -16.21 2.39
C ASP A 110 4.28 -16.64 1.12
N PHE A 111 5.51 -17.01 1.47
CA PHE A 111 6.51 -17.45 0.49
C PHE A 111 6.58 -18.98 0.38
N GLU A 112 5.96 -19.72 1.26
CA GLU A 112 5.93 -21.19 1.20
C GLU A 112 4.68 -21.77 0.53
N ALA A 113 3.61 -21.02 0.38
CA ALA A 113 2.38 -21.51 -0.29
C ALA A 113 2.72 -22.05 -1.67
N ASP A 114 2.05 -23.08 -2.15
CA ASP A 114 2.39 -23.59 -3.51
C ASP A 114 1.27 -23.15 -4.45
N GLY A 115 1.65 -22.38 -5.45
CA GLY A 115 0.58 -21.93 -6.39
C GLY A 115 0.42 -20.42 -6.24
N ASN A 116 0.58 -19.91 -5.02
CA ASN A 116 0.44 -18.44 -4.87
C ASN A 116 1.36 -17.77 -3.87
N PRO A 117 2.64 -18.14 -3.89
CA PRO A 117 3.63 -17.54 -2.97
C PRO A 117 4.01 -16.17 -3.53
N ALA A 118 4.39 -15.23 -2.66
CA ALA A 118 4.82 -13.93 -3.06
C ALA A 118 6.13 -14.01 -3.84
N LYS A 119 6.55 -12.86 -4.26
CA LYS A 119 7.76 -12.46 -4.94
C LYS A 119 7.90 -11.03 -4.35
N ILE A 120 9.03 -10.53 -4.14
CA ILE A 120 9.39 -9.18 -3.70
C ILE A 120 10.28 -8.78 -4.92
N LYS A 121 10.01 -7.67 -5.56
CA LYS A 121 10.80 -7.35 -6.81
C LYS A 121 11.34 -5.96 -6.70
N ASN A 122 12.32 -5.57 -7.55
CA ASN A 122 12.90 -4.21 -7.58
C ASN A 122 12.93 -3.59 -8.98
N ASN A 123 12.18 -2.58 -9.19
CA ASN A 123 12.14 -1.88 -10.49
C ASN A 123 13.47 -1.29 -10.86
N TYR A 124 14.46 -1.28 -9.97
CA TYR A 124 15.80 -0.84 -10.34
C TYR A 124 16.32 -1.83 -11.41
N ASP A 125 15.99 -3.11 -11.27
CA ASP A 125 16.44 -4.12 -12.22
C ASP A 125 16.01 -3.84 -13.66
N TRP A 126 14.88 -3.18 -13.92
CA TRP A 126 14.50 -2.96 -15.35
C TRP A 126 14.51 -1.46 -15.62
N ILE A 127 14.59 -0.63 -14.61
CA ILE A 127 14.66 0.82 -14.86
C ILE A 127 16.14 1.23 -14.93
N GLY A 128 16.94 0.67 -14.05
CA GLY A 128 18.36 0.90 -13.81
C GLY A 128 19.05 1.04 -15.14
N PRO A 129 19.03 -0.02 -15.93
CA PRO A 129 19.61 -0.03 -17.26
C PRO A 129 18.85 0.32 -18.50
N LEU A 130 17.80 1.09 -18.47
CA LEU A 130 17.04 1.46 -19.71
C LEU A 130 17.62 2.87 -20.00
N ASP A 131 17.99 3.03 -21.25
CA ASP A 131 18.55 4.26 -21.79
C ASP A 131 17.38 5.20 -22.12
N VAL A 132 17.74 6.45 -21.87
CA VAL A 132 16.89 7.62 -21.99
C VAL A 132 16.06 7.64 -23.24
N ILE A 133 16.78 7.52 -24.36
CA ILE A 133 16.30 7.52 -25.72
C ILE A 133 15.18 6.51 -25.90
N THR A 134 15.39 5.33 -25.38
CA THR A 134 14.51 4.18 -25.37
C THR A 134 13.28 4.47 -24.55
N PHE A 135 13.49 5.06 -23.41
CA PHE A 135 12.37 5.45 -22.53
C PHE A 135 11.50 6.48 -23.25
N LEU A 136 12.09 7.58 -23.75
CA LEU A 136 11.28 8.63 -24.40
C LEU A 136 10.51 8.15 -25.63
N ARG A 137 11.07 7.24 -26.39
CA ARG A 137 10.47 6.70 -27.60
C ARG A 137 9.48 5.57 -27.29
N ASP A 138 9.93 4.62 -26.49
CA ASP A 138 9.16 3.43 -26.15
C ASP A 138 8.01 3.71 -25.21
N VAL A 139 8.26 4.52 -24.21
CA VAL A 139 7.25 4.88 -23.20
C VAL A 139 6.67 6.25 -23.49
N GLY A 140 7.52 7.27 -23.67
CA GLY A 140 7.03 8.64 -23.89
C GLY A 140 6.09 8.85 -25.03
N LYS A 141 6.37 8.20 -26.16
CA LYS A 141 5.55 8.33 -27.36
C LYS A 141 4.08 8.14 -27.03
N HIS A 142 3.73 7.24 -26.16
CA HIS A 142 2.38 6.90 -25.76
C HIS A 142 1.62 7.87 -24.91
N PHE A 143 2.24 8.88 -24.30
CA PHE A 143 1.51 9.82 -23.45
C PHE A 143 1.55 11.27 -23.88
N SER A 144 0.37 11.85 -24.00
CA SER A 144 0.29 13.28 -24.33
C SER A 144 0.47 14.05 -23.00
N VAL A 145 1.00 15.21 -23.08
CA VAL A 145 1.36 16.16 -22.01
C VAL A 145 0.12 16.57 -21.20
N ASN A 146 -0.95 16.60 -21.91
CA ASN A 146 -2.31 17.02 -21.55
C ASN A 146 -3.13 15.94 -20.82
N TYR A 147 -2.70 14.70 -20.99
CA TYR A 147 -3.28 13.54 -20.30
C TYR A 147 -2.64 13.60 -18.89
N MET A 148 -1.33 13.77 -19.03
CA MET A 148 -0.44 13.87 -17.88
C MET A 148 -0.76 15.08 -17.01
N MET A 149 -0.96 16.25 -17.58
CA MET A 149 -1.20 17.52 -16.91
C MET A 149 -2.53 17.45 -16.12
N ALA A 150 -3.47 16.67 -16.60
CA ALA A 150 -4.76 16.53 -15.90
C ALA A 150 -4.71 15.63 -14.66
N LYS A 151 -3.66 14.95 -14.34
CA LYS A 151 -3.54 14.07 -13.19
C LYS A 151 -3.55 14.94 -11.93
N GLU A 152 -4.28 14.36 -10.98
CA GLU A 152 -4.47 14.94 -9.66
C GLU A 152 -3.13 15.34 -9.06
N SER A 153 -2.16 14.46 -9.10
CA SER A 153 -0.80 14.59 -8.62
C SER A 153 -0.03 15.78 -9.21
N VAL A 154 -0.26 16.00 -10.49
CA VAL A 154 0.33 17.08 -11.29
C VAL A 154 -0.53 18.33 -11.22
N GLN A 155 -1.71 18.34 -11.78
CA GLN A 155 -2.64 19.49 -11.74
C GLN A 155 -2.56 20.18 -10.39
N SER A 156 -2.51 19.49 -9.28
CA SER A 156 -2.40 19.94 -7.92
C SER A 156 -1.12 20.72 -7.60
N ARG A 157 -0.15 20.73 -8.49
CA ARG A 157 1.14 21.37 -8.31
C ARG A 157 1.66 22.37 -9.29
N ILE A 158 1.15 22.63 -10.44
CA ILE A 158 1.70 23.56 -11.45
C ILE A 158 1.97 24.99 -11.09
N GLU A 159 1.24 25.61 -10.19
CA GLU A 159 1.46 27.00 -9.73
C GLU A 159 2.38 26.87 -8.49
N THR A 160 2.09 25.78 -7.77
CA THR A 160 2.89 25.38 -6.61
C THR A 160 4.32 25.21 -7.18
N GLY A 161 4.43 24.52 -8.29
CA GLY A 161 5.64 24.24 -9.05
C GLY A 161 5.98 22.75 -9.00
N ILE A 162 6.56 22.28 -10.10
CA ILE A 162 6.94 20.85 -10.17
C ILE A 162 8.07 20.61 -11.15
N SER A 163 9.10 19.94 -10.65
CA SER A 163 10.30 19.62 -11.45
C SER A 163 9.75 18.71 -12.59
N PHE A 164 10.47 18.71 -13.69
CA PHE A 164 10.16 17.82 -14.84
C PHE A 164 10.39 16.39 -14.25
N THR A 165 11.45 16.20 -13.48
CA THR A 165 11.79 15.00 -12.78
C THR A 165 10.54 14.39 -12.12
N GLU A 166 9.93 15.17 -11.23
CA GLU A 166 8.72 14.67 -10.55
C GLU A 166 7.59 14.47 -11.54
N PHE A 167 7.46 15.34 -12.52
CA PHE A 167 6.45 15.33 -13.56
C PHE A 167 6.42 14.01 -14.31
N SER A 168 7.55 13.38 -14.57
CA SER A 168 7.75 12.12 -15.23
C SER A 168 7.66 10.87 -14.36
N TYR A 169 7.60 11.00 -13.05
CA TYR A 169 7.52 9.88 -12.13
C TYR A 169 6.47 8.90 -12.64
N MET A 170 5.28 9.43 -12.88
CA MET A 170 4.15 8.61 -13.35
C MET A 170 4.56 7.76 -14.52
N MET A 171 5.49 8.14 -15.36
CA MET A 171 5.92 7.34 -16.51
C MET A 171 6.61 6.00 -16.15
N LEU A 172 7.36 5.98 -15.09
CA LEU A 172 8.15 4.88 -14.54
C LEU A 172 7.33 3.73 -14.00
N GLN A 173 6.50 4.04 -13.09
CA GLN A 173 5.37 3.49 -12.38
C GLN A 173 4.53 2.96 -13.57
N ALA A 174 4.27 3.79 -14.57
CA ALA A 174 3.56 3.45 -15.79
C ALA A 174 4.18 2.14 -16.31
N TYR A 175 5.45 2.20 -16.61
CA TYR A 175 6.37 1.19 -17.13
C TYR A 175 6.45 -0.04 -16.26
N ASP A 176 6.44 0.21 -14.95
CA ASP A 176 6.45 -0.94 -14.02
C ASP A 176 5.31 -1.92 -14.29
N PHE A 177 4.11 -1.36 -14.30
CA PHE A 177 2.90 -2.16 -14.50
C PHE A 177 3.02 -2.97 -15.79
N LEU A 178 3.67 -2.39 -16.82
CA LEU A 178 3.83 -3.09 -18.10
C LEU A 178 4.80 -4.25 -18.03
N ARG A 179 5.94 -4.10 -17.36
CA ARG A 179 6.92 -5.20 -17.25
C ARG A 179 6.36 -6.37 -16.46
N LEU A 180 5.68 -6.02 -15.38
CA LEU A 180 5.03 -6.96 -14.45
C LEU A 180 3.88 -7.69 -15.11
N TYR A 181 3.18 -7.00 -16.00
CA TYR A 181 2.09 -7.60 -16.79
C TYR A 181 2.71 -8.57 -17.78
N GLU A 182 3.75 -8.12 -18.49
CA GLU A 182 4.42 -8.94 -19.49
C GLU A 182 5.11 -10.14 -18.87
N THR A 183 5.99 -9.99 -17.91
CA THR A 183 6.74 -11.03 -17.27
C THR A 183 6.17 -11.83 -16.12
N GLU A 184 5.08 -11.39 -15.49
CA GLU A 184 4.50 -12.06 -14.34
C GLU A 184 3.02 -12.33 -14.44
N GLY A 185 2.37 -11.97 -15.49
CA GLY A 185 0.91 -12.15 -15.65
C GLY A 185 0.11 -11.28 -14.65
N CYS A 186 0.68 -10.18 -14.24
CA CYS A 186 0.10 -9.25 -13.29
C CYS A 186 -1.03 -8.47 -13.92
N ARG A 187 -2.23 -8.64 -13.37
CA ARG A 187 -3.44 -7.97 -13.85
C ARG A 187 -4.01 -6.91 -12.96
N LEU A 188 -3.86 -6.66 -11.73
CA LEU A 188 -4.30 -5.80 -10.77
C LEU A 188 -3.03 -5.17 -10.16
N GLN A 189 -3.07 -3.92 -9.95
CA GLN A 189 -2.15 -3.07 -9.28
C GLN A 189 -3.13 -2.47 -8.19
N ILE A 190 -2.77 -2.50 -6.96
CA ILE A 190 -3.62 -1.89 -5.92
C ILE A 190 -2.75 -0.79 -5.28
N GLY A 191 -3.34 0.10 -4.52
CA GLY A 191 -2.52 1.14 -3.81
C GLY A 191 -3.53 1.96 -3.00
N GLY A 192 -3.18 2.85 -2.20
CA GLY A 192 -3.68 3.88 -1.41
C GLY A 192 -4.40 4.87 -2.41
N SER A 193 -5.11 5.81 -1.87
CA SER A 193 -5.93 6.77 -2.58
C SER A 193 -5.20 7.59 -3.63
N ASP A 194 -4.06 8.11 -3.20
CA ASP A 194 -3.22 9.03 -3.95
C ASP A 194 -2.53 8.51 -5.18
N GLN A 195 -2.62 7.21 -5.35
CA GLN A 195 -1.98 6.46 -6.40
C GLN A 195 -2.79 6.15 -7.65
N TRP A 196 -4.03 6.56 -7.59
CA TRP A 196 -4.99 6.33 -8.70
C TRP A 196 -4.46 6.77 -10.05
N GLY A 197 -3.99 7.98 -10.21
CA GLY A 197 -3.37 8.56 -11.38
C GLY A 197 -2.27 7.68 -11.97
N ASN A 198 -1.32 7.25 -11.14
CA ASN A 198 -0.20 6.39 -11.53
C ASN A 198 -0.61 4.97 -11.93
N ILE A 199 -1.73 4.53 -11.37
CA ILE A 199 -2.28 3.21 -11.73
C ILE A 199 -2.87 3.30 -13.11
N THR A 200 -3.74 4.31 -13.29
CA THR A 200 -4.40 4.45 -14.60
C THR A 200 -3.39 4.67 -15.68
N ALA A 201 -2.37 5.42 -15.32
CA ALA A 201 -1.25 5.71 -16.20
C ALA A 201 -0.72 4.36 -16.72
N GLY A 202 -0.63 3.38 -15.80
CA GLY A 202 -0.19 2.09 -16.28
C GLY A 202 -1.12 1.24 -17.15
N LEU A 203 -2.39 1.46 -16.92
CA LEU A 203 -3.46 0.85 -17.69
C LEU A 203 -3.46 1.52 -19.06
N GLU A 204 -3.22 2.81 -19.17
CA GLU A 204 -3.11 3.55 -20.42
C GLU A 204 -1.90 3.02 -21.20
N LEU A 205 -0.79 2.76 -20.53
CA LEU A 205 0.40 2.18 -21.19
C LEU A 205 0.12 0.75 -21.69
N ILE A 206 -0.60 -0.05 -20.95
CA ILE A 206 -0.91 -1.43 -21.36
C ILE A 206 -1.85 -1.46 -22.55
N ARG A 207 -2.96 -0.71 -22.42
CA ARG A 207 -3.95 -0.68 -23.51
C ARG A 207 -3.23 -0.32 -24.79
N LYS A 208 -2.57 0.82 -24.82
CA LYS A 208 -1.81 1.38 -25.91
C LYS A 208 -0.66 0.58 -26.44
N THR A 209 -0.19 -0.44 -25.76
CA THR A 209 0.92 -1.26 -26.23
C THR A 209 0.45 -2.65 -26.63
N LYS A 210 -0.68 -3.08 -26.13
CA LYS A 210 -1.27 -4.38 -26.36
C LYS A 210 -2.68 -4.30 -26.94
N GLY A 211 -3.50 -3.54 -26.25
CA GLY A 211 -4.92 -3.37 -26.66
C GLY A 211 -5.65 -4.64 -26.17
N ARG A 214 -8.20 -5.71 -20.02
CA ARG A 214 -7.29 -6.79 -19.63
C ARG A 214 -6.74 -6.79 -18.21
N ALA A 215 -6.53 -5.63 -17.61
CA ALA A 215 -5.97 -5.40 -16.30
C ALA A 215 -6.74 -4.37 -15.50
N PHE A 216 -6.62 -4.43 -14.17
CA PHE A 216 -7.37 -3.55 -13.23
C PHE A 216 -6.49 -2.80 -12.23
N GLY A 217 -7.21 -1.85 -11.62
CA GLY A 217 -6.65 -0.96 -10.60
C GLY A 217 -7.67 -0.82 -9.45
N LEU A 218 -7.16 -0.91 -8.26
CA LEU A 218 -7.98 -0.78 -7.02
C LEU A 218 -7.15 0.06 -6.08
N THR A 219 -7.81 1.03 -5.52
CA THR A 219 -7.15 1.95 -4.56
C THR A 219 -7.90 1.66 -3.26
N ILE A 220 -7.14 1.84 -2.23
CA ILE A 220 -7.55 1.66 -0.80
C ILE A 220 -7.71 3.12 -0.36
N PRO A 221 -8.67 3.41 0.48
CA PRO A 221 -8.87 4.79 0.96
C PRO A 221 -7.71 5.08 1.92
N LEU A 222 -7.43 6.34 2.13
CA LEU A 222 -6.36 6.71 3.11
C LEU A 222 -7.05 6.60 4.46
N VAL A 223 -6.29 6.33 5.49
CA VAL A 223 -6.88 6.10 6.83
C VAL A 223 -7.46 7.31 7.51
N THR A 224 -8.80 7.17 7.79
CA THR A 224 -9.66 8.15 8.43
C THR A 224 -9.64 8.18 9.96
N LYS A 225 -9.91 9.40 10.45
CA LYS A 225 -10.01 9.77 11.87
C LYS A 225 -11.31 10.56 12.01
N ALA A 226 -12.08 10.35 13.06
CA ALA A 226 -13.35 11.07 13.26
C ALA A 226 -13.13 12.51 13.71
N ASP A 227 -11.95 12.77 14.27
CA ASP A 227 -11.54 14.08 14.77
C ASP A 227 -11.00 14.99 13.66
N GLY A 228 -10.75 14.44 12.48
CA GLY A 228 -10.20 15.18 11.37
C GLY A 228 -8.71 15.47 11.46
N THR A 229 -8.00 14.64 12.18
CA THR A 229 -6.51 14.83 12.27
C THR A 229 -5.88 13.81 11.36
N LYS A 230 -4.56 13.85 11.13
CA LYS A 230 -3.91 12.86 10.22
C LYS A 230 -3.50 11.59 10.95
N PHE A 231 -4.07 10.46 10.48
CA PHE A 231 -3.82 9.13 11.04
C PHE A 231 -2.30 8.84 10.98
N GLY A 232 -1.90 8.20 12.07
CA GLY A 232 -0.57 7.75 12.35
C GLY A 232 0.35 8.84 12.83
N LYS A 233 -0.08 10.08 12.79
CA LYS A 233 0.75 11.23 13.18
C LYS A 233 0.56 11.55 14.66
N THR A 234 1.47 10.96 15.42
CA THR A 234 1.51 11.12 16.89
C THR A 234 2.33 12.35 17.21
N GLU A 235 2.46 12.64 18.49
CA GLU A 235 3.23 13.77 19.03
C GLU A 235 4.67 13.31 19.23
N SER A 236 4.82 12.00 19.29
CA SER A 236 6.12 11.35 19.42
C SER A 236 6.74 11.22 18.04
N GLY A 237 5.90 11.25 17.01
CA GLY A 237 6.33 11.16 15.60
C GLY A 237 5.76 9.84 15.05
N THR A 238 6.08 9.53 13.83
CA THR A 238 5.67 8.35 13.09
C THR A 238 5.73 7.08 13.95
N ILE A 239 4.82 6.20 13.65
CA ILE A 239 4.74 4.88 14.25
C ILE A 239 5.27 3.91 13.15
N TRP A 240 6.54 3.55 13.29
CA TRP A 240 7.27 2.68 12.37
C TRP A 240 6.94 1.22 12.56
N LEU A 241 7.39 0.34 11.68
CA LEU A 241 7.26 -1.09 11.69
C LEU A 241 8.58 -1.71 12.17
N ASP A 242 9.58 -0.88 12.31
CA ASP A 242 10.90 -1.37 12.79
C ASP A 242 10.78 -1.24 14.31
N LYS A 243 11.00 -2.36 15.00
CA LYS A 243 10.89 -2.41 16.45
C LYS A 243 12.01 -1.69 17.16
N GLU A 244 12.95 -1.19 16.43
CA GLU A 244 14.08 -0.42 16.93
C GLU A 244 13.80 1.06 16.68
N LYS A 245 12.80 1.25 15.82
CA LYS A 245 12.36 2.66 15.55
C LYS A 245 11.20 2.93 16.52
N THR A 246 10.21 2.03 16.50
CA THR A 246 9.08 2.15 17.44
C THR A 246 9.03 0.84 18.22
N SER A 247 9.24 0.86 19.51
CA SER A 247 9.23 -0.41 20.25
C SER A 247 7.84 -1.02 20.27
N PRO A 248 7.77 -2.33 20.44
CA PRO A 248 6.53 -3.11 20.51
C PRO A 248 5.52 -2.60 21.53
N TYR A 249 6.04 -2.09 22.62
CA TYR A 249 5.28 -1.47 23.70
C TYR A 249 4.62 -0.20 23.14
N GLU A 250 5.43 0.69 22.57
CA GLU A 250 4.93 1.92 21.97
C GLU A 250 3.88 1.65 20.88
N PHE A 251 4.21 0.69 20.03
CA PHE A 251 3.35 0.22 18.92
C PHE A 251 1.97 -0.13 19.53
N TYR A 252 2.04 -1.05 20.50
CA TYR A 252 0.92 -1.57 21.26
C TYR A 252 0.07 -0.46 21.86
N GLN A 253 0.69 0.42 22.61
CA GLN A 253 0.01 1.57 23.24
C GLN A 253 -0.66 2.47 22.21
N PHE A 254 0.00 2.64 21.05
CA PHE A 254 -0.61 3.48 20.01
C PHE A 254 -2.00 2.90 19.74
N TRP A 255 -2.09 1.64 19.43
CA TRP A 255 -3.36 0.98 19.09
C TRP A 255 -4.35 1.00 20.21
N ILE A 256 -3.84 0.77 21.41
CA ILE A 256 -4.69 0.74 22.61
C ILE A 256 -5.34 2.07 22.86
N ASN A 257 -4.79 3.18 22.41
CA ASN A 257 -5.32 4.53 22.56
C ASN A 257 -6.26 4.91 21.43
N THR A 258 -6.75 3.96 20.69
CA THR A 258 -7.67 4.25 19.57
C THR A 258 -8.91 4.85 20.20
N ASP A 259 -9.42 5.86 19.54
CA ASP A 259 -10.64 6.54 20.02
C ASP A 259 -11.80 5.64 19.61
N ASP A 260 -12.80 5.67 20.46
CA ASP A 260 -14.06 4.91 20.32
C ASP A 260 -14.62 5.07 18.91
N ARG A 261 -14.50 6.23 18.34
CA ARG A 261 -14.89 6.64 17.01
C ARG A 261 -14.18 5.90 15.89
N ASP A 262 -12.89 5.57 16.13
CA ASP A 262 -12.11 4.87 15.11
C ASP A 262 -12.10 3.36 15.19
N VAL A 263 -11.99 2.82 16.37
CA VAL A 263 -11.82 1.41 16.68
C VAL A 263 -12.52 0.40 15.82
N ILE A 264 -13.79 0.53 15.45
CA ILE A 264 -14.45 -0.48 14.60
C ILE A 264 -13.95 -0.32 13.17
N ARG A 265 -13.56 0.86 12.76
CA ARG A 265 -13.03 1.08 11.41
C ARG A 265 -11.64 0.43 11.33
N TYR A 266 -10.83 0.61 12.35
CA TYR A 266 -9.49 0.05 12.37
C TYR A 266 -9.46 -1.47 12.44
N LEU A 267 -10.41 -2.09 13.08
CA LEU A 267 -10.46 -3.54 13.24
C LEU A 267 -10.73 -4.17 11.87
N LYS A 268 -11.50 -3.44 11.11
CA LYS A 268 -11.93 -3.75 9.77
C LYS A 268 -10.75 -3.62 8.81
N TYR A 269 -10.00 -2.55 8.98
CA TYR A 269 -8.84 -2.25 8.15
C TYR A 269 -7.62 -3.13 8.42
N PHE A 270 -7.14 -3.12 9.64
CA PHE A 270 -5.95 -3.80 10.08
C PHE A 270 -6.01 -5.16 10.67
N THR A 271 -7.11 -5.83 10.85
CA THR A 271 -7.21 -7.13 11.48
C THR A 271 -7.88 -8.20 10.62
N PHE A 272 -7.74 -9.43 11.12
CA PHE A 272 -8.30 -10.59 10.43
C PHE A 272 -9.51 -11.16 11.18
N LEU A 273 -10.07 -10.44 12.13
CA LEU A 273 -11.28 -10.86 12.86
C LEU A 273 -12.42 -10.95 11.85
N SER A 274 -13.41 -11.79 11.95
CA SER A 274 -14.50 -11.96 11.03
C SER A 274 -15.48 -10.82 11.25
N LYS A 275 -16.52 -10.81 10.49
CA LYS A 275 -17.58 -9.79 10.51
C LYS A 275 -18.39 -9.94 11.80
N GLU A 276 -18.64 -11.22 11.99
CA GLU A 276 -19.42 -11.73 13.12
C GLU A 276 -18.68 -11.33 14.38
N GLU A 277 -17.38 -11.39 14.37
CA GLU A 277 -16.56 -11.00 15.52
C GLU A 277 -16.55 -9.49 15.65
N ILE A 278 -16.32 -8.82 14.52
CA ILE A 278 -16.29 -7.34 14.55
C ILE A 278 -17.64 -6.82 15.02
N GLU A 279 -18.75 -7.30 14.47
CA GLU A 279 -20.07 -6.83 14.93
C GLU A 279 -20.20 -7.06 16.44
N ALA A 280 -19.81 -8.20 16.93
CA ALA A 280 -19.83 -8.55 18.36
C ALA A 280 -19.14 -7.50 19.22
N LEU A 281 -17.95 -7.10 18.77
CA LEU A 281 -17.15 -6.07 19.47
C LEU A 281 -17.88 -4.73 19.42
N GLU A 282 -18.61 -4.47 18.34
CA GLU A 282 -19.37 -3.25 18.16
C GLU A 282 -20.48 -3.08 19.20
N GLN A 283 -21.07 -4.22 19.51
CA GLN A 283 -22.14 -4.34 20.50
C GLN A 283 -21.54 -4.11 21.87
N GLU A 284 -20.39 -4.71 22.14
CA GLU A 284 -19.73 -4.51 23.44
C GLU A 284 -19.22 -3.11 23.60
N LEU A 285 -18.88 -2.39 22.55
CA LEU A 285 -18.37 -1.01 22.61
C LEU A 285 -19.52 -0.07 22.96
N ARG A 286 -20.71 -0.54 22.67
CA ARG A 286 -21.97 0.13 22.90
C ARG A 286 -22.45 -0.12 24.33
N GLU A 287 -22.47 -1.40 24.64
CA GLU A 287 -22.93 -1.89 25.94
C GLU A 287 -21.92 -1.61 27.04
N ALA A 288 -20.64 -1.65 26.78
CA ALA A 288 -19.57 -1.45 27.77
C ALA A 288 -18.30 -0.81 27.25
N PRO A 289 -18.34 0.47 26.89
CA PRO A 289 -17.23 1.19 26.29
C PRO A 289 -16.07 1.58 27.17
N GLU A 290 -16.19 1.34 28.47
CA GLU A 290 -15.16 1.65 29.47
C GLU A 290 -14.25 0.44 29.65
N LYS A 291 -14.78 -0.68 29.23
CA LYS A 291 -14.10 -1.98 29.23
C LYS A 291 -12.89 -1.88 28.28
N ARG A 292 -13.16 -1.31 27.11
CA ARG A 292 -12.15 -1.11 26.06
C ARG A 292 -11.79 -2.41 25.37
N ALA A 293 -12.77 -3.28 25.20
CA ALA A 293 -12.71 -4.58 24.58
C ALA A 293 -12.23 -4.55 23.14
N ALA A 294 -12.74 -3.62 22.36
CA ALA A 294 -12.38 -3.46 20.94
C ALA A 294 -10.97 -2.88 20.84
N GLN A 295 -10.65 -1.95 21.74
CA GLN A 295 -9.34 -1.37 21.84
C GLN A 295 -8.24 -2.37 22.17
N LYS A 296 -8.47 -3.39 22.96
CA LYS A 296 -7.43 -4.36 23.31
C LYS A 296 -7.27 -5.41 22.24
N THR A 297 -8.39 -5.76 21.61
CA THR A 297 -8.41 -6.76 20.53
C THR A 297 -7.63 -6.22 19.33
N LEU A 298 -7.87 -4.96 18.98
CA LEU A 298 -7.13 -4.30 17.92
C LEU A 298 -5.61 -4.36 18.15
N ALA A 299 -5.22 -3.79 19.27
CA ALA A 299 -3.87 -3.71 19.77
C ALA A 299 -3.19 -5.06 19.86
N GLU A 300 -3.85 -6.11 20.31
CA GLU A 300 -3.21 -7.43 20.40
C GLU A 300 -2.90 -8.08 19.06
N GLU A 301 -3.90 -8.08 18.23
CA GLU A 301 -4.04 -8.57 16.89
C GLU A 301 -2.99 -7.99 15.95
N VAL A 302 -2.88 -6.66 16.04
CA VAL A 302 -1.94 -5.92 15.19
C VAL A 302 -0.50 -6.06 15.65
N THR A 303 -0.26 -5.99 16.95
CA THR A 303 1.09 -6.16 17.51
C THR A 303 1.59 -7.57 17.20
N LYS A 304 0.74 -8.56 17.34
CA LYS A 304 1.14 -9.92 16.99
C LYS A 304 1.59 -9.94 15.51
N LEU A 305 0.79 -9.41 14.61
CA LEU A 305 1.01 -9.38 13.17
C LEU A 305 2.37 -8.80 12.82
N VAL A 306 2.58 -7.58 13.30
CA VAL A 306 3.81 -6.85 13.02
C VAL A 306 4.99 -7.41 13.75
N HIS A 307 4.85 -7.64 15.04
CA HIS A 307 5.94 -8.11 15.88
C HIS A 307 5.90 -9.51 16.43
N GLY A 308 4.82 -10.21 16.58
CA GLY A 308 4.79 -11.56 17.13
C GLY A 308 4.47 -11.53 18.63
N GLU A 309 3.90 -12.64 19.08
CA GLU A 309 3.45 -12.95 20.42
C GLU A 309 4.37 -12.57 21.56
N GLU A 310 5.63 -12.95 21.46
CA GLU A 310 6.63 -12.64 22.50
C GLU A 310 6.70 -11.14 22.71
N ALA A 311 6.83 -10.42 21.60
CA ALA A 311 6.86 -8.93 21.61
C ALA A 311 5.56 -8.51 22.29
N LEU A 312 4.42 -9.04 21.79
CA LEU A 312 3.12 -8.76 22.35
C LEU A 312 3.10 -9.01 23.87
N ARG A 313 3.56 -10.21 24.24
CA ARG A 313 3.61 -10.63 25.65
C ARG A 313 4.37 -9.61 26.47
N GLN A 314 5.46 -9.13 25.91
CA GLN A 314 6.28 -8.10 26.53
C GLN A 314 5.52 -6.79 26.74
N ALA A 315 4.93 -6.27 25.68
CA ALA A 315 4.20 -5.01 25.69
C ALA A 315 3.11 -4.94 26.76
N ILE A 316 2.37 -6.03 26.83
CA ILE A 316 1.28 -6.22 27.75
C ILE A 316 1.85 -6.25 29.17
N ARG A 317 2.90 -7.08 29.28
CA ARG A 317 3.52 -7.18 30.65
C ARG A 317 4.14 -5.85 30.98
N ILE A 318 4.74 -5.10 30.05
CA ILE A 318 5.27 -3.77 30.32
C ILE A 318 4.20 -2.73 30.66
N SER A 319 2.99 -2.87 30.16
CA SER A 319 1.91 -1.90 30.39
C SER A 319 1.13 -2.02 31.67
#